data_9NJN
#
_entry.id   9NJN
#
_cell.length_a   145.864
_cell.length_b   145.864
_cell.length_c   145.864
_cell.angle_alpha   90.000
_cell.angle_beta   90.000
_cell.angle_gamma   90.000
#
_symmetry.space_group_name_H-M   'I 2 3'
#
loop_
_entity.id
_entity.type
_entity.pdbx_description
1 polymer 'Epidermal growth factor receptor'
2 non-polymer N-[2-{[2-(dimethylamino)ethyl](methyl)amino}-4-methoxy-5-({(4M)-4-[(4S)-8-methylimidazo[1,2-a]pyridin-3-yl]pyrimidin-2-yl}amino)phenyl]propanamide
3 water water
#
_entity_poly.entity_id   1
_entity_poly.type   'polypeptide(L)'
_entity_poly.pdbx_seq_one_letter_code
;GEAPNQALLRILKETEFKKIKVLGSGAFGTVYKGLWIPEGEKVKIPVAIKELREATSPKANKEILDEAYVMASVDNPHVC
RLLGICLTSTVQLITQLMPFGCLLDYVREHKDNIGSQYLLNWCVQIAKGMNYLEDRRLVHRDLAARNVLVKTPQHVKITD
FGLAKLLGAEEKEYHAEGGKVPIKWMALESILHRIYTHQSDVWSYGVTVWELMTFGSKPYDGIPASEISSILEKGERLPQ
PPICTIDVYMIMVKCWMIDADSRPKFRELIIEFSKMARDPQRYLVIQGDERMHLPSPTDSNFYRALMDEEDMDDVVDADE
YLIPQQG
;
_entity_poly.pdbx_strand_id   A
#
loop_
_chem_comp.id
_chem_comp.type
_chem_comp.name
_chem_comp.formula
A1BYS non-polymer N-[2-{[2-(dimethylamino)ethyl](methyl)amino}-4-methoxy-5-({(4M)-4-[(4S)-8-methylimidazo[1,2-a]pyridin-3-yl]pyrimidin-2-yl}amino)phenyl]propanamide 'C27 H34 N8 O2'
#
# COMPACT_ATOMS: atom_id res chain seq x y z
N ALA A 3 21.90 -8.86 -10.50
CA ALA A 3 21.95 -9.86 -9.43
C ALA A 3 20.89 -10.95 -9.60
N PRO A 4 21.28 -12.20 -9.40
CA PRO A 4 20.33 -13.31 -9.58
C PRO A 4 19.27 -13.31 -8.48
N ASN A 5 18.02 -13.50 -8.90
CA ASN A 5 16.89 -13.50 -7.98
C ASN A 5 16.72 -14.91 -7.44
N GLN A 6 17.37 -15.19 -6.31
CA GLN A 6 17.34 -16.52 -5.70
C GLN A 6 16.16 -16.70 -4.74
N ALA A 7 15.06 -15.99 -4.95
CA ALA A 7 13.88 -16.19 -4.12
C ALA A 7 13.28 -17.57 -4.37
N LEU A 8 12.61 -18.09 -3.36
CA LEU A 8 11.99 -19.41 -3.42
C LEU A 8 10.49 -19.27 -3.64
N LEU A 9 9.98 -19.95 -4.66
CA LEU A 9 8.55 -20.02 -4.93
C LEU A 9 8.02 -21.33 -4.35
N ARG A 10 7.25 -21.21 -3.28
CA ARG A 10 6.73 -22.39 -2.60
C ARG A 10 5.40 -22.80 -3.20
N ILE A 11 5.26 -24.09 -3.48
CA ILE A 11 4.03 -24.66 -4.04
C ILE A 11 3.33 -25.45 -2.93
N LEU A 12 2.08 -25.11 -2.66
CA LEU A 12 1.34 -25.62 -1.52
C LEU A 12 0.27 -26.60 -1.96
N LYS A 13 0.10 -27.66 -1.19
CA LYS A 13 -0.94 -28.64 -1.48
C LYS A 13 -2.31 -28.09 -1.14
N GLU A 14 -3.30 -28.37 -1.99
CA GLU A 14 -4.64 -27.86 -1.76
C GLU A 14 -5.27 -28.46 -0.51
N THR A 15 -4.84 -29.66 -0.12
CA THR A 15 -5.37 -30.34 1.05
C THR A 15 -4.92 -29.70 2.36
N GLU A 16 -4.06 -28.69 2.33
CA GLU A 16 -3.57 -28.03 3.54
C GLU A 16 -4.34 -26.75 3.88
N PHE A 17 -5.38 -26.42 3.13
CA PHE A 17 -6.17 -25.22 3.35
C PHE A 17 -7.56 -25.58 3.86
N VAL A 22 -15.22 -16.42 2.88
CA VAL A 22 -15.10 -15.53 1.68
C VAL A 22 -14.90 -14.09 2.17
N LEU A 23 -13.84 -13.44 1.71
CA LEU A 23 -13.54 -12.04 2.11
C LEU A 23 -14.13 -11.09 1.07
N GLY A 24 -13.79 -11.30 -0.20
CA GLY A 24 -14.25 -10.38 -1.24
C GLY A 24 -14.46 -11.06 -2.57
N SER A 25 -15.19 -10.40 -3.47
CA SER A 25 -15.49 -10.98 -4.80
C SER A 25 -15.75 -9.82 -5.76
N GLY A 29 -11.96 -11.49 -9.04
CA GLY A 29 -12.14 -12.91 -8.69
C GLY A 29 -12.65 -13.04 -7.27
N THR A 30 -12.35 -14.17 -6.60
CA THR A 30 -12.75 -14.35 -5.20
C THR A 30 -11.55 -14.46 -4.31
N VAL A 31 -11.53 -13.68 -3.22
CA VAL A 31 -10.44 -13.81 -2.20
C VAL A 31 -11.10 -14.44 -0.97
N TYR A 32 -10.54 -15.53 -0.45
CA TYR A 32 -11.14 -16.22 0.70
C TYR A 32 -10.25 -16.11 1.90
N LYS A 33 -10.85 -16.25 3.09
CA LYS A 33 -10.05 -16.28 4.33
C LYS A 33 -10.02 -17.74 4.76
N GLY A 34 -8.88 -18.19 5.31
CA GLY A 34 -8.76 -19.61 5.67
C GLY A 34 -7.57 -19.88 6.55
N LEU A 35 -7.28 -21.15 6.78
CA LEU A 35 -6.12 -21.53 7.60
C LEU A 35 -5.21 -22.48 6.80
N TRP A 36 -3.91 -22.25 6.88
CA TRP A 36 -2.94 -23.14 6.21
C TRP A 36 -2.32 -24.03 7.27
N ILE A 37 -2.43 -25.34 7.06
CA ILE A 37 -1.91 -26.30 8.03
C ILE A 37 -0.89 -27.19 7.34
N PRO A 38 0.41 -26.85 7.38
CA PRO A 38 1.42 -27.72 6.78
C PRO A 38 1.45 -29.09 7.47
N GLU A 39 1.64 -30.13 6.68
CA GLU A 39 1.63 -31.49 7.21
C GLU A 39 2.80 -31.70 8.16
N GLY A 40 2.51 -32.38 9.28
CA GLY A 40 3.54 -32.68 10.26
C GLY A 40 3.68 -31.63 11.34
N GLU A 41 4.14 -30.44 10.95
CA GLU A 41 4.31 -29.35 11.91
C GLU A 41 2.96 -28.89 12.44
N LYS A 42 2.85 -28.78 13.76
CA LYS A 42 1.58 -28.46 14.41
C LYS A 42 1.41 -26.95 14.44
N VAL A 43 1.09 -26.39 13.28
CA VAL A 43 0.97 -24.95 13.10
C VAL A 43 -0.25 -24.66 12.22
N LYS A 44 -1.03 -23.66 12.61
CA LYS A 44 -2.15 -23.16 11.82
C LYS A 44 -1.92 -21.70 11.50
N ILE A 45 -1.89 -21.35 10.23
CA ILE A 45 -1.51 -20.03 9.77
C ILE A 45 -2.72 -19.36 9.13
N PRO A 46 -3.22 -18.24 9.67
CA PRO A 46 -4.31 -17.52 9.02
C PRO A 46 -3.82 -16.90 7.71
N VAL A 47 -4.48 -17.27 6.60
CA VAL A 47 -4.05 -16.87 5.27
C VAL A 47 -5.23 -16.27 4.52
N ALA A 48 -4.91 -15.62 3.40
CA ALA A 48 -5.88 -15.16 2.43
C ALA A 48 -5.63 -15.90 1.12
N ILE A 49 -6.68 -16.49 0.55
CA ILE A 49 -6.58 -17.32 -0.65
C ILE A 49 -7.27 -16.59 -1.77
N LYS A 50 -6.51 -16.15 -2.77
CA LYS A 50 -7.02 -15.37 -3.90
C LYS A 50 -7.13 -16.31 -5.10
N PRO A 58 -6.12 -17.82 -20.01
CA PRO A 58 -4.66 -17.72 -19.89
C PRO A 58 -4.16 -16.34 -19.51
N LYS A 59 -4.93 -15.28 -19.79
CA LYS A 59 -4.52 -13.94 -19.38
C LYS A 59 -4.56 -13.79 -17.87
N ALA A 60 -5.57 -14.38 -17.21
CA ALA A 60 -5.70 -14.27 -15.76
C ALA A 60 -4.57 -15.01 -15.05
N ASN A 61 -4.21 -16.20 -15.54
CA ASN A 61 -3.12 -16.95 -14.93
C ASN A 61 -1.77 -16.28 -15.15
N LYS A 62 -1.56 -15.72 -16.34
CA LYS A 62 -0.28 -15.06 -16.63
C LYS A 62 -0.02 -13.89 -15.72
N GLU A 63 -1.07 -13.15 -15.32
CA GLU A 63 -0.86 -11.96 -14.51
C GLU A 63 -0.75 -12.28 -13.02
N ILE A 64 -1.44 -13.32 -12.55
CA ILE A 64 -1.31 -13.68 -11.15
C ILE A 64 0.02 -14.34 -10.88
N LEU A 65 0.63 -14.96 -11.90
CA LEU A 65 1.97 -15.50 -11.73
C LEU A 65 3.01 -14.38 -11.72
N ASP A 66 2.80 -13.34 -12.51
CA ASP A 66 3.66 -12.15 -12.41
C ASP A 66 3.57 -11.54 -11.02
N GLU A 67 2.36 -11.47 -10.47
CA GLU A 67 2.19 -10.93 -9.13
C GLU A 67 2.84 -11.83 -8.08
N ALA A 68 2.73 -13.14 -8.25
CA ALA A 68 3.41 -14.06 -7.34
C ALA A 68 4.92 -13.95 -7.45
N TYR A 69 5.44 -13.65 -8.65
CA TYR A 69 6.87 -13.44 -8.81
C TYR A 69 7.35 -12.27 -7.96
N VAL A 70 6.62 -11.16 -7.99
CA VAL A 70 7.03 -9.97 -7.26
C VAL A 70 6.96 -10.21 -5.76
N MET A 71 5.84 -10.75 -5.27
CA MET A 71 5.67 -10.94 -3.83
C MET A 71 6.66 -11.96 -3.26
N ALA A 72 7.08 -12.94 -4.06
CA ALA A 72 8.08 -13.89 -3.58
C ALA A 72 9.46 -13.25 -3.49
N SER A 73 9.69 -12.14 -4.19
CA SER A 73 11.01 -11.51 -4.24
C SER A 73 11.18 -10.41 -3.21
N VAL A 74 10.15 -10.13 -2.40
CA VAL A 74 10.23 -9.07 -1.40
C VAL A 74 10.09 -9.67 -0.02
N ASP A 75 10.79 -9.06 0.95
CA ASP A 75 10.73 -9.51 2.34
C ASP A 75 11.03 -8.30 3.23
N ASN A 76 9.99 -7.67 3.74
CA ASN A 76 10.10 -6.47 4.55
C ASN A 76 8.92 -6.40 5.50
N PRO A 77 9.13 -5.90 6.73
CA PRO A 77 8.02 -5.86 7.70
C PRO A 77 6.84 -5.02 7.25
N HIS A 78 7.02 -4.13 6.27
CA HIS A 78 5.92 -3.28 5.81
C HIS A 78 5.55 -3.57 4.36
N VAL A 79 5.81 -4.80 3.93
CA VAL A 79 5.39 -5.29 2.62
C VAL A 79 4.73 -6.65 2.83
N CYS A 80 3.58 -6.87 2.20
CA CYS A 80 2.85 -8.11 2.38
C CYS A 80 3.69 -9.30 1.92
N ARG A 81 3.78 -10.32 2.77
CA ARG A 81 4.59 -11.49 2.50
C ARG A 81 3.78 -12.56 1.76
N LEU A 82 4.41 -13.15 0.75
CA LEU A 82 3.82 -14.26 0.02
C LEU A 82 4.17 -15.57 0.71
N LEU A 83 3.15 -16.41 0.92
CA LEU A 83 3.38 -17.71 1.52
C LEU A 83 3.55 -18.81 0.47
N GLY A 84 2.89 -18.69 -0.66
CA GLY A 84 3.03 -19.67 -1.72
C GLY A 84 1.85 -19.62 -2.65
N ILE A 85 1.88 -20.53 -3.62
CA ILE A 85 0.82 -20.67 -4.61
C ILE A 85 0.34 -22.13 -4.62
N CYS A 86 -0.90 -22.32 -5.05
CA CYS A 86 -1.49 -23.63 -5.21
C CYS A 86 -1.92 -23.78 -6.66
N LEU A 87 -1.46 -24.84 -7.32
CA LEU A 87 -1.70 -25.06 -8.74
C LEU A 87 -2.92 -25.96 -8.91
N THR A 88 -4.09 -25.34 -9.06
CA THR A 88 -5.33 -26.06 -9.29
C THR A 88 -5.94 -25.63 -10.62
N SER A 89 -7.27 -25.59 -10.69
CA SER A 89 -7.94 -25.13 -11.91
C SER A 89 -7.47 -23.72 -12.26
N THR A 90 -7.49 -22.81 -11.30
CA THR A 90 -6.87 -21.50 -11.43
C THR A 90 -5.79 -21.37 -10.35
N VAL A 91 -4.71 -20.67 -10.69
CA VAL A 91 -3.63 -20.46 -9.74
C VAL A 91 -4.14 -19.59 -8.59
N GLN A 92 -3.90 -20.04 -7.37
CA GLN A 92 -4.35 -19.35 -6.16
C GLN A 92 -3.16 -18.68 -5.48
N LEU A 93 -3.34 -17.41 -5.13
CA LEU A 93 -2.37 -16.69 -4.30
C LEU A 93 -2.67 -16.94 -2.83
N ILE A 94 -1.66 -17.35 -2.08
CA ILE A 94 -1.81 -17.59 -0.64
C ILE A 94 -0.88 -16.61 0.06
N THR A 95 -1.45 -15.61 0.72
CA THR A 95 -0.72 -14.57 1.41
C THR A 95 -1.14 -14.51 2.88
N GLN A 96 -0.46 -13.67 3.64
CA GLN A 96 -0.78 -13.49 5.05
C GLN A 96 -2.13 -12.81 5.20
N LEU A 97 -2.95 -13.33 6.12
CA LEU A 97 -4.24 -12.73 6.42
C LEU A 97 -4.03 -11.45 7.23
N MET A 98 -4.55 -10.33 6.74
CA MET A 98 -4.52 -9.08 7.47
C MET A 98 -5.90 -8.83 8.04
N PRO A 99 -6.15 -9.12 9.32
CA PRO A 99 -7.53 -9.24 9.80
C PRO A 99 -8.33 -7.94 9.79
N PHE A 100 -7.68 -6.78 9.74
CA PHE A 100 -8.39 -5.51 9.83
C PHE A 100 -8.68 -4.90 8.47
N GLY A 101 -8.42 -5.65 7.38
CA GLY A 101 -8.77 -5.18 6.05
C GLY A 101 -7.83 -4.10 5.53
N CYS A 102 -8.27 -3.48 4.44
CA CYS A 102 -7.51 -2.41 3.83
C CYS A 102 -7.62 -1.13 4.66
N LEU A 103 -6.59 -0.29 4.55
CA LEU A 103 -6.55 0.95 5.34
C LEU A 103 -7.61 1.95 4.90
N LEU A 104 -8.07 1.88 3.65
CA LEU A 104 -9.10 2.81 3.18
C LEU A 104 -10.41 2.58 3.92
N ASP A 105 -10.89 1.33 3.95
CA ASP A 105 -12.10 1.02 4.69
C ASP A 105 -11.92 1.18 6.19
N TYR A 106 -10.69 1.05 6.70
CA TYR A 106 -10.47 1.14 8.14
C TYR A 106 -10.65 2.57 8.64
N VAL A 107 -10.10 3.55 7.93
CA VAL A 107 -10.23 4.94 8.38
C VAL A 107 -11.65 5.44 8.19
N ARG A 108 -12.36 4.93 7.17
CA ARG A 108 -13.76 5.28 7.01
C ARG A 108 -14.61 4.71 8.13
N GLU A 109 -14.37 3.43 8.48
CA GLU A 109 -15.19 2.77 9.50
C GLU A 109 -14.87 3.24 10.91
N HIS A 110 -13.66 3.78 11.14
CA HIS A 110 -13.23 4.14 12.49
C HIS A 110 -12.79 5.60 12.56
N LYS A 111 -13.47 6.48 11.81
CA LYS A 111 -13.14 7.91 11.85
C LYS A 111 -13.06 8.40 13.29
N ASP A 112 -14.12 8.20 14.06
CA ASP A 112 -14.25 8.80 15.37
C ASP A 112 -13.32 8.19 16.41
N ASN A 113 -12.27 7.49 15.96
CA ASN A 113 -11.33 6.85 16.88
C ASN A 113 -9.90 6.82 16.39
N ILE A 114 -9.59 7.41 15.24
CA ILE A 114 -8.21 7.48 14.77
C ILE A 114 -7.54 8.70 15.38
N GLY A 115 -6.49 8.48 16.17
CA GLY A 115 -5.72 9.58 16.71
C GLY A 115 -4.58 9.99 15.79
N SER A 116 -3.96 11.12 16.14
CA SER A 116 -2.85 11.63 15.34
C SER A 116 -1.64 10.70 15.41
N GLN A 117 -1.46 9.98 16.52
CA GLN A 117 -0.32 9.03 16.62
C GLN A 117 -0.47 7.95 15.53
N TYR A 118 -1.65 7.37 15.39
CA TYR A 118 -1.80 6.30 14.42
C TYR A 118 -1.61 6.80 12.99
N LEU A 119 -2.15 7.98 12.68
CA LEU A 119 -2.04 8.52 11.33
C LEU A 119 -0.57 8.76 10.95
N LEU A 120 0.18 9.41 11.84
CA LEU A 120 1.58 9.69 11.54
C LEU A 120 2.41 8.41 11.51
N ASN A 121 2.09 7.43 12.37
CA ASN A 121 2.84 6.18 12.34
C ASN A 121 2.56 5.40 11.06
N TRP A 122 1.32 5.43 10.57
CA TRP A 122 1.03 4.78 9.30
C TRP A 122 1.84 5.39 8.16
N CYS A 123 1.98 6.72 8.16
CA CYS A 123 2.77 7.37 7.13
C CYS A 123 4.23 6.94 7.20
N VAL A 124 4.76 6.75 8.42
CA VAL A 124 6.13 6.28 8.57
C VAL A 124 6.27 4.88 7.98
N GLN A 125 5.36 3.97 8.35
CA GLN A 125 5.48 2.58 7.93
C GLN A 125 5.30 2.42 6.43
N ILE A 126 4.35 3.16 5.84
CA ILE A 126 4.16 3.09 4.39
C ILE A 126 5.41 3.59 3.67
N ALA A 127 6.02 4.65 4.19
CA ALA A 127 7.24 5.17 3.57
C ALA A 127 8.39 4.17 3.73
N LYS A 128 8.45 3.48 4.87
CA LYS A 128 9.47 2.43 5.05
C LYS A 128 9.30 1.32 4.01
N GLY A 129 8.05 0.87 3.80
CA GLY A 129 7.81 -0.17 2.82
C GLY A 129 8.15 0.27 1.41
N MET A 130 7.80 1.51 1.06
CA MET A 130 8.12 2.01 -0.28
C MET A 130 9.61 2.22 -0.44
N TYR A 132 11.91 0.39 0.95
CA TYR A 132 12.44 -0.94 0.70
C TYR A 132 12.21 -1.36 -0.76
N LEU A 133 11.02 -1.10 -1.29
CA LEU A 133 10.75 -1.41 -2.69
C LEU A 133 11.69 -0.67 -3.62
N GLU A 134 12.04 0.58 -3.27
CA GLU A 134 13.00 1.32 -4.07
C GLU A 134 14.39 0.70 -4.00
N ASP A 135 14.78 0.21 -2.81
CA ASP A 135 16.03 -0.54 -2.69
C ASP A 135 16.02 -1.76 -3.60
N ARG A 136 14.88 -2.42 -3.73
CA ARG A 136 14.72 -3.55 -4.63
C ARG A 136 14.61 -3.13 -6.10
N ARG A 137 14.75 -1.83 -6.39
CA ARG A 137 14.57 -1.29 -7.74
C ARG A 137 13.22 -1.72 -8.32
N LEU A 138 12.17 -1.49 -7.54
CA LEU A 138 10.83 -1.93 -7.87
C LEU A 138 9.87 -0.76 -7.80
N VAL A 139 9.10 -0.55 -8.87
CA VAL A 139 8.11 0.52 -8.96
C VAL A 139 6.74 -0.10 -8.77
N HIS A 140 5.99 0.40 -7.79
CA HIS A 140 4.71 -0.20 -7.43
C HIS A 140 3.62 0.12 -8.46
N ARG A 141 3.53 1.38 -8.87
CA ARG A 141 2.61 1.89 -9.89
C ARG A 141 1.13 1.82 -9.48
N ASP A 142 0.84 1.46 -8.23
CA ASP A 142 -0.55 1.44 -7.78
C ASP A 142 -0.65 1.62 -6.27
N LEU A 143 0.14 2.54 -5.72
CA LEU A 143 0.10 2.83 -4.29
C LEU A 143 -1.16 3.64 -3.98
N ALA A 144 -1.95 3.13 -3.03
CA ALA A 144 -3.19 3.79 -2.64
C ALA A 144 -3.62 3.26 -1.28
N ALA A 145 -4.56 3.96 -0.65
CA ALA A 145 -5.05 3.53 0.65
C ALA A 145 -5.76 2.18 0.57
N ARG A 146 -6.37 1.87 -0.58
CA ARG A 146 -7.01 0.56 -0.74
C ARG A 146 -5.97 -0.55 -0.77
N ASN A 147 -4.74 -0.25 -1.19
CA ASN A 147 -3.68 -1.24 -1.32
C ASN A 147 -2.72 -1.24 -0.14
N VAL A 148 -3.18 -0.80 1.03
CA VAL A 148 -2.42 -0.89 2.27
C VAL A 148 -3.27 -1.68 3.26
N LEU A 149 -2.76 -2.84 3.68
CA LEU A 149 -3.50 -3.72 4.56
C LEU A 149 -3.06 -3.54 6.00
N VAL A 150 -3.95 -3.91 6.92
CA VAL A 150 -3.79 -3.63 8.35
C VAL A 150 -3.69 -4.97 9.07
N LYS A 151 -2.48 -5.36 9.47
CA LYS A 151 -2.31 -6.54 10.32
C LYS A 151 -2.87 -6.28 11.70
N THR A 152 -2.41 -5.23 12.36
CA THR A 152 -2.97 -4.65 13.56
C THR A 152 -3.03 -3.15 13.36
N PRO A 153 -3.82 -2.44 14.18
CA PRO A 153 -3.86 -0.97 14.07
C PRO A 153 -2.49 -0.32 14.19
N GLN A 154 -1.52 -1.04 14.76
CA GLN A 154 -0.16 -0.53 14.92
C GLN A 154 0.80 -1.04 13.85
N HIS A 155 0.32 -1.79 12.86
CA HIS A 155 1.22 -2.42 11.89
C HIS A 155 0.49 -2.56 10.56
N VAL A 156 0.91 -1.80 9.55
CA VAL A 156 0.33 -1.86 8.22
C VAL A 156 1.39 -2.31 7.23
N LYS A 157 0.94 -2.84 6.09
CA LYS A 157 1.81 -3.33 5.04
C LYS A 157 1.24 -2.98 3.68
N ILE A 158 2.12 -2.77 2.71
CA ILE A 158 1.74 -2.46 1.34
C ILE A 158 1.45 -3.76 0.60
N THR A 159 0.42 -3.74 -0.26
CA THR A 159 0.00 -4.94 -0.98
C THR A 159 -0.31 -4.57 -2.42
N ASP A 160 -0.87 -5.54 -3.16
CA ASP A 160 -1.34 -5.38 -4.53
C ASP A 160 -0.20 -5.00 -5.46
N PHE A 161 0.55 -5.99 -5.93
CA PHE A 161 1.65 -5.80 -6.87
C PHE A 161 1.27 -6.20 -8.29
N GLY A 162 -0.02 -6.11 -8.63
CA GLY A 162 -0.48 -6.45 -9.97
C GLY A 162 0.03 -5.53 -11.05
N LEU A 163 0.52 -4.35 -10.70
CA LEU A 163 1.10 -3.41 -11.65
C LEU A 163 2.58 -3.17 -11.39
N ALA A 164 3.19 -3.87 -10.45
CA ALA A 164 4.57 -3.63 -10.09
C ALA A 164 5.50 -4.01 -11.24
N LYS A 165 6.58 -3.25 -11.40
CA LYS A 165 7.57 -3.49 -12.44
C LYS A 165 8.96 -3.36 -11.85
N GLU A 173 13.50 4.76 -15.47
CA GLU A 173 12.06 4.87 -15.68
C GLU A 173 11.52 3.61 -16.34
N TYR A 174 10.20 3.45 -16.24
CA TYR A 174 9.46 2.39 -16.90
C TYR A 174 8.45 3.03 -17.86
N VAL A 181 -5.51 2.15 -15.53
CA VAL A 181 -4.64 2.72 -14.50
C VAL A 181 -5.39 3.77 -13.69
N PRO A 182 -5.15 3.80 -12.37
CA PRO A 182 -5.86 4.75 -11.51
C PRO A 182 -5.38 6.19 -11.70
N ILE A 183 -6.13 6.97 -12.48
CA ILE A 183 -5.66 8.28 -12.91
C ILE A 183 -5.46 9.21 -11.73
N LYS A 184 -6.35 9.16 -10.74
CA LYS A 184 -6.35 10.12 -9.65
C LYS A 184 -5.26 9.86 -8.61
N TRP A 185 -4.44 8.84 -8.80
CA TRP A 185 -3.30 8.57 -7.94
C TRP A 185 -1.97 8.68 -8.68
N MET A 186 -1.98 8.97 -9.98
CA MET A 186 -0.78 8.94 -10.80
C MET A 186 -0.16 10.32 -10.91
N ALA A 187 1.16 10.33 -11.09
CA ALA A 187 1.86 11.57 -11.36
C ALA A 187 1.50 12.11 -12.74
N LEU A 188 1.73 13.40 -12.94
CA LEU A 188 1.41 14.02 -14.21
C LEU A 188 2.20 13.41 -15.36
N GLU A 189 3.47 13.08 -15.11
CA GLU A 189 4.28 12.46 -16.15
C GLU A 189 3.78 11.06 -16.49
N SER A 190 3.10 10.39 -15.55
CA SER A 190 2.56 9.07 -15.82
C SER A 190 1.30 9.15 -16.67
N ILE A 191 0.52 10.23 -16.51
CA ILE A 191 -0.70 10.37 -17.29
C ILE A 191 -0.40 10.81 -18.72
N LEU A 192 0.57 11.72 -18.88
CA LEU A 192 0.89 12.28 -20.19
C LEU A 192 1.83 11.40 -20.99
N HIS A 193 2.86 10.83 -20.35
CA HIS A 193 3.92 10.12 -21.07
C HIS A 193 4.07 8.66 -20.66
N ARG A 194 3.19 8.14 -19.81
CA ARG A 194 3.24 6.75 -19.36
C ARG A 194 4.59 6.40 -18.74
N ILE A 195 5.21 7.37 -18.09
CA ILE A 195 6.51 7.19 -17.46
C ILE A 195 6.29 6.95 -15.96
N TYR A 196 6.91 5.90 -15.43
CA TYR A 196 6.79 5.53 -14.03
C TYR A 196 8.17 5.38 -13.42
N THR A 197 8.41 6.07 -12.32
CA THR A 197 9.65 5.99 -11.57
C THR A 197 9.33 5.81 -10.09
N HIS A 198 10.38 5.71 -9.26
CA HIS A 198 10.16 5.73 -7.83
C HIS A 198 9.59 7.07 -7.39
N GLN A 199 9.93 8.14 -8.08
CA GLN A 199 9.38 9.46 -7.78
C GLN A 199 7.92 9.61 -8.22
N SER A 200 7.47 8.80 -9.19
CA SER A 200 6.03 8.78 -9.47
C SER A 200 5.27 8.04 -8.38
N ASP A 201 5.92 7.06 -7.73
CA ASP A 201 5.34 6.45 -6.54
C ASP A 201 5.22 7.45 -5.41
N VAL A 202 6.15 8.42 -5.34
CA VAL A 202 6.08 9.45 -4.31
C VAL A 202 4.82 10.29 -4.48
N TRP A 203 4.46 10.60 -5.73
CA TRP A 203 3.19 11.28 -5.99
C TRP A 203 2.02 10.47 -5.45
N SER A 204 1.98 9.17 -5.75
CA SER A 204 0.91 8.34 -5.23
C SER A 204 0.94 8.25 -3.70
N TYR A 205 2.14 8.30 -3.13
CA TYR A 205 2.25 8.36 -1.67
C TYR A 205 1.56 9.61 -1.12
N GLY A 206 1.79 10.75 -1.77
CA GLY A 206 1.14 11.98 -1.33
C GLY A 206 -0.38 11.89 -1.39
N VAL A 207 -0.92 11.29 -2.45
CA VAL A 207 -2.36 11.11 -2.54
C VAL A 207 -2.84 10.14 -1.46
N THR A 208 -2.05 9.11 -1.17
CA THR A 208 -2.43 8.14 -0.15
C THR A 208 -2.47 8.77 1.23
N VAL A 209 -1.51 9.65 1.54
CA VAL A 209 -1.55 10.37 2.82
C VAL A 209 -2.77 11.27 2.89
N TRP A 210 -3.12 11.89 1.76
CA TRP A 210 -4.32 12.73 1.71
C TRP A 210 -5.56 11.92 2.01
N GLU A 211 -5.62 10.67 1.55
CA GLU A 211 -6.77 9.82 1.86
C GLU A 211 -6.87 9.56 3.35
N LEU A 212 -5.73 9.33 4.01
CA LEU A 212 -5.76 9.05 5.45
C LEU A 212 -6.15 10.29 6.24
N MET A 213 -5.60 11.45 5.88
CA MET A 213 -5.85 12.67 6.65
C MET A 213 -7.27 13.17 6.47
N THR A 214 -7.91 12.85 5.33
CA THR A 214 -9.32 13.15 5.13
C THR A 214 -10.22 12.01 5.58
N PHE A 215 -9.66 11.00 6.25
CA PHE A 215 -10.40 9.86 6.78
C PHE A 215 -11.12 9.07 5.70
N GLY A 216 -10.56 9.05 4.49
CA GLY A 216 -11.08 8.21 3.43
C GLY A 216 -11.83 8.92 2.33
N SER A 217 -11.64 10.23 2.16
CA SER A 217 -12.33 10.94 1.10
C SER A 217 -11.80 10.51 -0.27
N LYS A 218 -12.66 10.63 -1.27
CA LYS A 218 -12.27 10.28 -2.64
C LYS A 218 -11.56 11.45 -3.28
N PRO A 219 -10.34 11.26 -3.79
CA PRO A 219 -9.61 12.38 -4.40
C PRO A 219 -10.31 12.86 -5.66
N TYR A 220 -10.42 14.19 -5.78
CA TYR A 220 -11.12 14.82 -6.91
C TYR A 220 -12.52 14.25 -7.08
N ASP A 221 -13.25 14.19 -5.96
CA ASP A 221 -14.57 13.57 -5.95
C ASP A 221 -15.52 14.32 -6.87
N GLY A 222 -16.05 13.60 -7.87
CA GLY A 222 -16.96 14.21 -8.83
C GLY A 222 -16.30 14.51 -10.15
N ILE A 223 -15.05 14.97 -10.11
CA ILE A 223 -14.30 15.31 -11.32
C ILE A 223 -13.99 14.04 -12.10
N PRO A 224 -14.38 13.96 -13.37
CA PRO A 224 -14.08 12.76 -14.16
C PRO A 224 -12.59 12.64 -14.42
N ALA A 225 -12.16 11.38 -14.65
CA ALA A 225 -10.74 11.10 -14.79
C ALA A 225 -10.13 11.78 -16.00
N SER A 226 -10.93 12.02 -17.05
CA SER A 226 -10.37 12.59 -18.28
C SER A 226 -9.89 14.02 -18.07
N GLU A 227 -10.46 14.72 -17.08
CA GLU A 227 -10.12 16.11 -16.82
C GLU A 227 -9.02 16.28 -15.76
N ILE A 228 -8.55 15.18 -15.17
CA ILE A 228 -7.50 15.26 -14.17
C ILE A 228 -6.21 15.79 -14.80
N SER A 229 -5.93 15.40 -16.04
CA SER A 229 -4.71 15.85 -16.70
C SER A 229 -4.70 17.37 -16.88
N SER A 230 -5.85 17.94 -17.23
CA SER A 230 -5.91 19.39 -17.44
C SER A 230 -5.82 20.14 -16.13
N ILE A 231 -6.38 19.58 -15.06
CA ILE A 231 -6.37 20.26 -13.77
C ILE A 231 -4.96 20.33 -13.20
N LEU A 232 -4.24 19.19 -13.20
CA LEU A 232 -2.89 19.18 -12.67
C LEU A 232 -1.96 20.10 -13.47
N GLU A 233 -2.22 20.27 -14.77
CA GLU A 233 -1.38 21.15 -15.58
C GLU A 233 -1.59 22.62 -15.23
N LYS A 234 -2.82 23.00 -14.87
CA LYS A 234 -3.09 24.39 -14.52
C LYS A 234 -2.47 24.78 -13.18
N GLY A 235 -2.11 23.80 -12.35
CA GLY A 235 -1.50 24.06 -11.06
C GLY A 235 -2.35 23.73 -9.86
N GLU A 236 -3.55 23.16 -10.06
CA GLU A 236 -4.43 22.84 -8.96
C GLU A 236 -4.05 21.51 -8.33
N ARG A 237 -4.29 21.40 -7.02
CA ARG A 237 -3.96 20.21 -6.25
C ARG A 237 -5.13 19.86 -5.34
N LEU A 238 -4.97 18.75 -4.62
CA LEU A 238 -5.95 18.36 -3.62
C LEU A 238 -5.93 19.37 -2.47
N PRO A 239 -7.10 19.64 -1.88
CA PRO A 239 -7.17 20.67 -0.82
C PRO A 239 -6.50 20.21 0.46
N GLN A 240 -6.25 21.19 1.33
CA GLN A 240 -5.62 20.91 2.62
C GLN A 240 -6.63 20.26 3.56
N PRO A 241 -6.37 19.06 4.06
CA PRO A 241 -7.34 18.42 4.96
C PRO A 241 -7.50 19.23 6.23
N PRO A 242 -8.71 19.23 6.80
CA PRO A 242 -8.96 20.08 7.98
C PRO A 242 -8.06 19.82 9.16
N ILE A 243 -7.69 18.56 9.41
CA ILE A 243 -6.86 18.23 10.57
C ILE A 243 -5.38 18.51 10.36
N CYS A 244 -4.99 18.92 9.15
CA CYS A 244 -3.57 18.99 8.79
C CYS A 244 -3.01 20.38 9.04
N THR A 245 -2.00 20.45 9.90
CA THR A 245 -1.18 21.66 9.96
C THR A 245 -0.48 21.88 8.64
N ILE A 246 0.01 23.11 8.44
CA ILE A 246 0.71 23.43 7.20
C ILE A 246 1.95 22.56 7.06
N ASP A 247 2.54 22.12 8.18
CA ASP A 247 3.71 21.25 8.13
C ASP A 247 3.39 19.95 7.37
N VAL A 248 2.26 19.32 7.71
CA VAL A 248 1.90 18.06 7.07
C VAL A 248 1.46 18.31 5.62
N TYR A 249 0.66 19.35 5.39
CA TYR A 249 0.17 19.61 4.04
C TYR A 249 1.30 20.04 3.11
N MET A 250 2.35 20.68 3.65
CA MET A 250 3.50 21.05 2.82
C MET A 250 4.20 19.81 2.27
N ILE A 251 4.25 18.75 3.07
CA ILE A 251 4.89 17.51 2.62
C ILE A 251 4.10 16.90 1.46
N MET A 252 2.76 16.94 1.53
CA MET A 252 1.96 16.41 0.43
C MET A 252 2.16 17.23 -0.83
N VAL A 253 2.19 18.56 -0.70
CA VAL A 253 2.39 19.43 -1.84
C VAL A 253 3.72 19.14 -2.51
N LYS A 254 4.76 18.87 -1.71
CA LYS A 254 6.07 18.56 -2.29
C LYS A 254 6.03 17.24 -3.06
N CYS A 255 5.13 16.33 -2.69
CA CYS A 255 4.97 15.08 -3.44
C CYS A 255 4.27 15.30 -4.78
N TRP A 256 3.69 16.47 -5.00
CA TRP A 256 2.88 16.74 -6.18
C TRP A 256 3.52 17.79 -7.09
N MET A 257 4.84 17.91 -7.02
CA MET A 257 5.56 18.85 -7.88
C MET A 257 5.69 18.30 -9.29
N ILE A 258 5.71 19.21 -10.27
CA ILE A 258 5.89 18.80 -11.66
C ILE A 258 7.26 18.14 -11.84
N ASP A 259 8.30 18.76 -11.27
CA ASP A 259 9.65 18.21 -11.37
C ASP A 259 9.76 17.01 -10.44
N ALA A 260 9.90 15.82 -11.02
CA ALA A 260 9.88 14.60 -10.22
C ALA A 260 11.06 14.55 -9.26
N ASP A 261 12.22 15.05 -9.69
CA ASP A 261 13.40 15.04 -8.83
C ASP A 261 13.31 16.06 -7.69
N SER A 262 12.39 17.01 -7.76
CA SER A 262 12.18 17.94 -6.67
C SER A 262 11.27 17.37 -5.59
N ARG A 263 10.55 16.30 -5.88
CA ARG A 263 9.73 15.65 -4.88
C ARG A 263 10.64 14.95 -3.85
N PRO A 264 10.19 14.82 -2.61
CA PRO A 264 11.01 14.17 -1.60
C PRO A 264 11.19 12.69 -1.88
N LYS A 265 12.26 12.13 -1.34
CA LYS A 265 12.53 10.71 -1.43
C LYS A 265 11.88 9.98 -0.25
N PHE A 266 11.65 8.69 -0.44
CA PHE A 266 10.97 7.91 0.61
C PHE A 266 11.80 7.90 1.89
N ARG A 267 13.13 7.86 1.78
CA ARG A 267 13.97 7.91 2.98
C ARG A 267 13.82 9.22 3.72
N GLU A 268 13.55 10.32 3.00
CA GLU A 268 13.34 11.60 3.65
C GLU A 268 11.95 11.67 4.29
N LEU A 269 10.95 11.09 3.63
CA LEU A 269 9.61 11.04 4.22
C LEU A 269 9.59 10.23 5.50
N ILE A 270 10.42 9.19 5.60
CA ILE A 270 10.56 8.46 6.85
C ILE A 270 11.05 9.40 7.95
N ILE A 271 12.08 10.19 7.64
CA ILE A 271 12.66 11.07 8.66
C ILE A 271 11.66 12.14 9.09
N GLU A 272 10.98 12.76 8.13
CA GLU A 272 10.06 13.84 8.44
C GLU A 272 8.89 13.35 9.29
N PHE A 273 8.21 12.29 8.84
CA PHE A 273 7.06 11.80 9.58
C PHE A 273 7.46 11.20 10.93
N SER A 274 8.70 10.70 11.05
CA SER A 274 9.15 10.18 12.34
C SER A 274 9.29 11.31 13.36
N LYS A 275 9.84 12.45 12.95
CA LYS A 275 9.92 13.59 13.85
C LYS A 275 8.53 14.03 14.30
N MET A 276 7.59 14.11 13.37
CA MET A 276 6.24 14.53 13.71
C MET A 276 5.54 13.51 14.60
N ALA A 277 5.87 12.23 14.43
CA ALA A 277 5.25 11.19 15.26
C ALA A 277 5.70 11.27 16.71
N ARG A 278 6.78 11.99 17.01
CA ARG A 278 7.22 12.20 18.39
C ARG A 278 6.45 13.31 19.09
N ASP A 279 5.65 14.08 18.36
CA ASP A 279 4.78 15.10 18.95
C ASP A 279 3.55 15.24 18.06
N PRO A 280 2.68 14.22 18.06
CA PRO A 280 1.64 14.15 17.01
C PRO A 280 0.64 15.29 17.07
N GLN A 281 0.23 15.71 18.27
CA GLN A 281 -0.76 16.77 18.41
C GLN A 281 -0.24 18.12 17.94
N ARG A 282 1.07 18.26 17.75
CA ARG A 282 1.64 19.48 17.18
C ARG A 282 1.45 19.56 15.68
N TYR A 283 1.17 18.44 15.02
CA TYR A 283 1.09 18.41 13.56
C TYR A 283 -0.26 17.95 13.02
N LEU A 284 -1.09 17.29 13.83
CA LEU A 284 -2.44 16.95 13.43
C LEU A 284 -3.41 17.40 14.52
N VAL A 285 -4.43 18.14 14.12
CA VAL A 285 -5.41 18.71 15.05
C VAL A 285 -6.70 17.93 14.87
N ILE A 286 -6.96 16.98 15.75
CA ILE A 286 -8.13 16.12 15.69
C ILE A 286 -8.93 16.31 16.98
N GLN A 287 -10.23 16.49 16.84
CA GLN A 287 -11.07 16.70 18.02
C GLN A 287 -11.19 15.39 18.81
N GLY A 288 -10.95 15.48 20.11
CA GLY A 288 -10.96 14.29 20.94
C GLY A 288 -9.69 13.47 20.88
N ASP A 289 -8.61 14.05 20.35
CA ASP A 289 -7.35 13.33 20.21
C ASP A 289 -6.72 13.04 21.56
N ASP A 314 -2.77 -23.73 18.36
CA ASP A 314 -1.50 -23.74 17.65
C ASP A 314 -1.48 -22.73 16.50
N VAL A 315 -2.24 -21.65 16.67
CA VAL A 315 -2.29 -20.60 15.66
C VAL A 315 -0.98 -19.81 15.69
N VAL A 316 -0.38 -19.63 14.52
CA VAL A 316 0.87 -18.88 14.37
C VAL A 316 0.69 -17.90 13.23
N ASP A 317 0.94 -16.62 13.49
CA ASP A 317 0.92 -15.62 12.44
C ASP A 317 2.04 -15.87 11.44
N ALA A 318 1.82 -15.48 10.20
CA ALA A 318 2.81 -15.74 9.16
C ALA A 318 4.15 -15.08 9.47
N ASP A 319 4.15 -13.93 10.13
CA ASP A 319 5.40 -13.24 10.46
C ASP A 319 6.26 -14.04 11.42
N GLU A 320 5.68 -15.01 12.13
CA GLU A 320 6.44 -15.86 13.04
C GLU A 320 6.64 -17.28 12.51
N TYR A 321 6.20 -17.55 11.28
CA TYR A 321 6.45 -18.83 10.62
C TYR A 321 7.50 -18.56 9.55
N LEU A 322 8.77 -18.62 9.94
CA LEU A 322 9.88 -18.22 9.08
C LEU A 322 10.49 -19.48 8.47
C01 A1BYS B . -9.93 -2.43 0.71
C02 A1BYS B . -10.44 -3.81 0.95
C03 A1BYS B . -10.13 -5.01 1.80
C05 A1BYS B . -10.62 -6.87 3.55
C06 A1BYS B . -9.35 -7.39 3.64
C07 A1BYS B . -9.02 -8.31 4.61
C09 A1BYS B . -6.89 -9.34 3.63
C11 A1BYS B . -5.05 -10.48 2.87
C12 A1BYS B . -5.40 -10.21 1.62
C13 A1BYS B . -6.53 -9.50 1.37
C14 A1BYS B . -6.93 -9.18 -0.07
C15 A1BYS B . -6.08 -9.27 -1.03
C17 A1BYS B . -8.07 -8.58 -1.84
C18 A1BYS B . -9.19 -8.16 -2.55
C19 A1BYS B . -9.14 -7.94 -4.06
C20 A1BYS B . -10.38 -7.94 -1.81
C21 A1BYS B . -10.45 -8.13 -0.43
C22 A1BYS B . -9.35 -8.55 0.25
C25 A1BYS B . -9.97 -8.74 5.50
N04 A1BYS B . -11.01 -5.89 2.53
N08 A1BYS B . -7.68 -8.86 4.76
C27 A1BYS B . -10.56 -9.69 7.53
C28 A1BYS B . -11.25 -8.24 5.41
C29 A1BYS B . -11.57 -7.31 4.44
C31 A1BYS B . -13.34 -5.56 4.90
C32 A1BYS B . -14.01 -4.82 3.75
C34 A1BYS B . -16.06 -4.81 2.58
C35 A1BYS B . -15.90 -3.81 4.74
C36 A1BYS B . -13.92 -7.76 3.82
N10 A1BYS B . -5.77 -10.05 3.87
N16 A1BYS B . -6.70 -8.90 -2.21
N23 A1BYS B . -8.14 -8.78 -0.43
N24 A1BYS B . -7.27 -9.05 2.37
N30 A1BYS B . -12.94 -6.85 4.39
N33 A1BYS B . -15.45 -4.90 3.89
O26 A1BYS B . -9.65 -9.67 6.47
O37 A1BYS B . -8.96 -5.01 1.95
#